data_6Y86
#
_entry.id   6Y86
#
_cell.length_a   122.590
_cell.length_b   122.590
_cell.length_c   97.100
_cell.angle_alpha   90.000
_cell.angle_beta   90.000
_cell.angle_gamma   90.000
#
_symmetry.space_group_name_H-M   'P 41 21 2'
#
_entity_poly.entity_id   1
_entity_poly.type   'polypeptide(L)'
_entity_poly.pdbx_seq_one_letter_code
;MVLRKVVAILLAILPIFLFAVEPIKVVRSEKEIVVLTRFEEYHFDLEKGILKDFYTLVDGRKHVFTYGNDGFDVLDEGTP
LTVIEEPIVTGVGKVSEGFSDEVSIVYNYGYVKKIFTIKNNENYTFFVDIENSKPVDVTVPRVSVDTSTDRYLENYFASF
NPKTRTLVLLKHDEGLLFEGTLKVNGQKRFIVFMGPNKRTLIKKAFPEDYDVLIKALVNIPGFNKWYDSVFYGLVWFFWW
LKDLTKNFGWAIMLFTLIVRLILYPLYHAQTKSLINMRKLQPQIEAIKKKYKDPTKQQEALLKLYREAGVNPASGCLMLL
IQLPIFMLLWSVIRYYVEEFAYSGSFLIWKDLSAGGFSNNWLFLVITIVASYYTTLLTSQDARTAWQGIIMSVIFPFLFV
GLPSGLFLYYATNTLIQLAVTYYTY
;
_entity_poly.pdbx_strand_id   A
#
# COMPACT_ATOMS: atom_id res chain seq x y z
N MET A 1 -3.17 15.77 41.11
CA MET A 1 -2.12 15.39 40.19
C MET A 1 -2.52 14.21 39.33
N VAL A 2 -3.62 13.57 39.71
CA VAL A 2 -4.19 12.51 38.87
C VAL A 2 -4.60 13.05 37.52
N LEU A 3 -5.23 14.23 37.51
CA LEU A 3 -5.68 14.83 36.27
C LEU A 3 -4.53 15.39 35.44
N ARG A 4 -3.51 15.94 36.12
CA ARG A 4 -2.32 16.42 35.40
C ARG A 4 -1.57 15.26 34.76
N LYS A 5 -1.49 14.13 35.45
CA LYS A 5 -0.77 12.97 34.96
C LYS A 5 -1.49 12.30 33.79
N VAL A 6 -2.80 12.51 33.66
CA VAL A 6 -3.54 11.93 32.55
C VAL A 6 -3.55 12.83 31.33
N VAL A 7 -3.58 14.15 31.51
CA VAL A 7 -3.61 15.09 30.39
C VAL A 7 -2.23 15.37 29.82
N ALA A 8 -1.19 15.21 30.62
CA ALA A 8 0.17 15.46 30.15
C ALA A 8 1.04 14.21 30.18
N ILE A 9 1.13 13.55 31.32
CA ILE A 9 2.04 12.41 31.44
C ILE A 9 1.51 11.23 30.63
N LEU A 10 0.24 10.88 30.80
CA LEU A 10 -0.37 9.80 30.05
C LEU A 10 -1.17 10.28 28.83
N LEU A 11 -0.79 11.44 28.28
CA LEU A 11 -1.41 11.92 27.04
C LEU A 11 -0.40 12.45 26.04
N ALA A 12 0.77 12.91 26.49
CA ALA A 12 1.83 13.35 25.60
C ALA A 12 2.85 12.26 25.30
N ILE A 13 2.75 11.12 25.98
CA ILE A 13 3.63 9.99 25.71
C ILE A 13 2.88 8.83 25.07
N LEU A 14 1.56 8.81 25.14
CA LEU A 14 0.79 7.76 24.50
C LEU A 14 0.94 7.76 22.99
N PRO A 15 0.87 8.89 22.27
CA PRO A 15 1.03 8.84 20.82
C PRO A 15 2.44 8.50 20.37
N ILE A 16 3.45 8.77 21.20
CA ILE A 16 4.83 8.48 20.81
C ILE A 16 5.07 6.97 20.73
N PHE A 17 4.61 6.23 21.74
CA PHE A 17 4.74 4.78 21.70
C PHE A 17 3.75 4.16 20.72
N LEU A 18 2.56 4.75 20.63
CA LEU A 18 1.54 4.22 19.72
C LEU A 18 1.99 4.36 18.27
N PHE A 19 2.35 5.57 17.86
CA PHE A 19 2.77 5.82 16.48
C PHE A 19 4.27 5.57 16.28
N ALA A 20 4.90 4.79 17.17
CA ALA A 20 6.30 4.43 17.01
C ALA A 20 6.49 3.64 15.72
N VAL A 21 7.26 4.20 14.79
CA VAL A 21 7.49 3.54 13.51
C VAL A 21 8.49 2.41 13.70
N GLU A 22 8.43 1.41 12.81
CA GLU A 22 9.27 0.25 12.98
C GLU A 22 10.74 0.62 12.75
N PRO A 23 11.64 0.14 13.60
CA PRO A 23 13.06 0.46 13.44
C PRO A 23 13.76 -0.50 12.49
N ILE A 24 14.96 -0.10 12.09
CA ILE A 24 15.80 -0.97 11.25
C ILE A 24 16.51 -1.96 12.16
N LYS A 25 15.91 -3.12 12.35
CA LYS A 25 16.52 -4.16 13.18
C LYS A 25 17.74 -4.72 12.46
N VAL A 26 18.92 -4.38 12.95
CA VAL A 26 20.17 -4.88 12.39
C VAL A 26 20.56 -6.14 13.15
N VAL A 27 21.09 -7.12 12.43
CA VAL A 27 21.48 -8.40 13.01
C VAL A 27 22.90 -8.69 12.53
N ARG A 28 23.89 -8.37 13.37
CA ARG A 28 25.26 -8.78 13.10
C ARG A 28 25.44 -10.25 13.48
N SER A 29 26.23 -10.97 12.69
CA SER A 29 26.36 -12.40 12.89
C SER A 29 27.72 -12.86 12.36
N GLU A 30 27.97 -14.17 12.46
CA GLU A 30 29.22 -14.76 12.01
C GLU A 30 29.17 -14.98 10.50
N LYS A 31 30.11 -14.35 9.78
CA LYS A 31 30.21 -14.47 8.32
C LYS A 31 28.93 -14.02 7.62
N GLU A 32 28.17 -13.14 8.27
CA GLU A 32 26.98 -12.54 7.69
C GLU A 32 26.54 -11.39 8.57
N ILE A 33 25.87 -10.41 7.96
CA ILE A 33 25.23 -9.33 8.70
C ILE A 33 24.01 -8.89 7.90
N VAL A 34 22.87 -8.81 8.58
CA VAL A 34 21.57 -8.69 7.93
C VAL A 34 20.93 -7.38 8.37
N VAL A 35 20.33 -6.68 7.41
CA VAL A 35 19.71 -5.38 7.66
C VAL A 35 18.24 -5.47 7.28
N LEU A 36 17.36 -5.30 8.25
CA LEU A 36 15.94 -5.56 8.08
C LEU A 36 15.14 -4.28 8.30
N THR A 37 14.23 -4.00 7.37
CA THR A 37 13.26 -2.92 7.50
C THR A 37 11.86 -3.53 7.49
N ARG A 38 10.85 -2.67 7.41
CA ARG A 38 9.48 -3.17 7.37
C ARG A 38 9.15 -3.85 6.04
N PHE A 39 9.82 -3.46 4.96
CA PHE A 39 9.63 -4.06 3.65
C PHE A 39 10.91 -4.59 3.04
N GLU A 40 12.03 -3.91 3.26
CA GLU A 40 13.31 -4.28 2.68
C GLU A 40 14.10 -5.17 3.63
N GLU A 41 14.96 -6.01 3.07
CA GLU A 41 15.77 -6.94 3.86
C GLU A 41 17.00 -7.34 3.05
N TYR A 42 18.18 -7.13 3.61
CA TYR A 42 19.44 -7.34 2.91
C TYR A 42 20.34 -8.29 3.67
N HIS A 43 20.99 -9.18 2.93
CA HIS A 43 21.98 -10.11 3.45
C HIS A 43 23.35 -9.68 2.97
N PHE A 44 24.23 -9.34 3.91
CA PHE A 44 25.56 -8.84 3.59
C PHE A 44 26.63 -9.81 4.07
N ASP A 45 27.65 -9.99 3.25
CA ASP A 45 28.85 -10.72 3.62
C ASP A 45 29.89 -9.74 4.14
N LEU A 46 30.57 -10.13 5.22
CA LEU A 46 31.55 -9.26 5.86
C LEU A 46 32.98 -9.67 5.55
N GLU A 47 33.20 -10.48 4.52
CA GLU A 47 34.52 -10.89 4.12
C GLU A 47 34.90 -10.32 2.76
N LYS A 48 34.08 -10.58 1.74
CA LYS A 48 34.28 -9.93 0.45
C LYS A 48 33.70 -8.53 0.45
N GLY A 49 32.74 -8.27 1.32
CA GLY A 49 32.14 -6.97 1.42
C GLY A 49 31.13 -6.70 0.33
N ILE A 50 30.08 -7.52 0.23
CA ILE A 50 29.13 -7.45 -0.87
C ILE A 50 27.72 -7.77 -0.37
N LEU A 51 26.73 -7.59 -1.24
CA LEU A 51 25.34 -7.94 -0.94
C LEU A 51 25.10 -9.38 -1.37
N LYS A 52 25.01 -10.29 -0.40
CA LYS A 52 24.77 -11.70 -0.69
C LYS A 52 23.41 -11.92 -1.34
N ASP A 53 22.33 -11.74 -0.58
CA ASP A 53 20.99 -12.02 -1.07
C ASP A 53 20.07 -10.88 -0.65
N PHE A 54 19.00 -10.69 -1.42
CA PHE A 54 18.03 -9.63 -1.19
C PHE A 54 16.61 -10.19 -1.26
N TYR A 55 15.85 -9.99 -0.19
CA TYR A 55 14.48 -10.47 -0.07
C TYR A 55 13.49 -9.32 -0.28
N THR A 56 12.21 -9.60 -0.09
CA THR A 56 11.16 -8.59 -0.23
C THR A 56 10.00 -8.99 0.67
N LEU A 57 9.70 -8.16 1.69
CA LEU A 57 8.74 -8.54 2.72
C LEU A 57 7.29 -8.39 2.25
N VAL A 58 7.00 -7.36 1.44
CA VAL A 58 5.62 -7.02 1.11
C VAL A 58 4.92 -8.21 0.48
N ASP A 59 3.75 -8.54 1.02
CA ASP A 59 2.94 -9.69 0.57
C ASP A 59 3.77 -10.96 0.57
N GLY A 60 4.33 -11.28 1.73
CA GLY A 60 5.15 -12.47 1.89
C GLY A 60 6.59 -12.25 1.46
N ARG A 61 7.52 -12.95 2.10
CA ARG A 61 8.94 -12.80 1.77
C ARG A 61 9.21 -13.36 0.38
N LYS A 62 9.99 -12.60 -0.41
CA LYS A 62 10.28 -12.94 -1.79
C LYS A 62 11.77 -12.79 -2.04
N HIS A 63 12.45 -13.91 -2.27
CA HIS A 63 13.87 -13.89 -2.64
C HIS A 63 13.97 -13.41 -4.08
N VAL A 64 14.32 -12.14 -4.27
CA VAL A 64 14.32 -11.53 -5.59
C VAL A 64 15.72 -11.26 -6.11
N PHE A 65 16.76 -11.59 -5.35
CA PHE A 65 18.13 -11.36 -5.82
C PHE A 65 19.07 -12.35 -5.16
N THR A 66 19.96 -12.93 -5.97
CA THR A 66 21.00 -13.82 -5.49
C THR A 66 22.32 -13.40 -6.11
N TYR A 67 23.38 -13.41 -5.31
CA TYR A 67 24.69 -12.93 -5.71
C TYR A 67 25.20 -13.68 -6.94
N GLY A 68 25.27 -12.99 -8.07
CA GLY A 68 25.75 -13.58 -9.31
C GLY A 68 27.11 -13.03 -9.67
N ASN A 69 28.00 -12.95 -8.68
CA ASN A 69 29.27 -12.24 -8.76
C ASN A 69 29.09 -10.88 -9.45
N ASP A 70 28.04 -10.18 -9.06
CA ASP A 70 27.74 -8.85 -9.58
C ASP A 70 27.31 -7.86 -8.51
N GLY A 71 27.10 -8.28 -7.27
CA GLY A 71 26.61 -7.40 -6.23
C GLY A 71 27.68 -6.54 -5.57
N PHE A 72 28.22 -5.57 -6.33
CA PHE A 72 29.18 -4.59 -5.87
C PHE A 72 30.50 -5.23 -5.46
N ASP A 73 31.04 -6.08 -6.35
CA ASP A 73 32.36 -6.68 -6.14
C ASP A 73 33.42 -5.63 -6.47
N VAL A 74 34.08 -5.11 -5.45
CA VAL A 74 35.25 -4.26 -5.67
C VAL A 74 36.34 -5.14 -6.27
N LEU A 75 36.64 -4.93 -7.55
CA LEU A 75 37.64 -5.73 -8.24
C LEU A 75 38.58 -4.82 -9.02
N ASP A 76 39.85 -5.22 -9.08
CA ASP A 76 40.84 -4.52 -9.88
C ASP A 76 41.32 -5.47 -10.96
N GLU A 77 40.87 -5.23 -12.20
CA GLU A 77 41.26 -6.00 -13.38
C GLU A 77 40.88 -7.48 -13.22
N GLY A 78 39.58 -7.72 -13.11
CA GLY A 78 39.03 -9.06 -13.06
C GLY A 78 38.97 -9.72 -11.70
N THR A 79 40.01 -9.55 -10.88
CA THR A 79 40.07 -10.24 -9.60
C THR A 79 39.56 -9.34 -8.49
N PRO A 80 38.65 -9.83 -7.65
CA PRO A 80 38.11 -8.99 -6.58
C PRO A 80 39.04 -8.90 -5.38
N LEU A 81 38.81 -7.89 -4.56
CA LEU A 81 39.60 -7.63 -3.37
C LEU A 81 38.80 -7.99 -2.12
N THR A 82 39.53 -8.18 -1.02
CA THR A 82 38.95 -8.51 0.28
C THR A 82 39.29 -7.42 1.29
N VAL A 83 38.60 -7.45 2.43
CA VAL A 83 38.80 -6.43 3.45
C VAL A 83 40.13 -6.66 4.17
N ILE A 84 40.59 -5.63 4.88
CA ILE A 84 41.68 -5.74 5.86
C ILE A 84 41.21 -5.51 7.27
N GLU A 85 39.91 -5.28 7.48
CA GLU A 85 39.40 -5.04 8.83
C GLU A 85 37.93 -5.45 8.88
N GLU A 86 37.41 -5.52 10.10
CA GLU A 86 36.01 -5.82 10.29
C GLU A 86 35.14 -4.74 9.65
N PRO A 87 33.87 -5.04 9.38
CA PRO A 87 32.94 -3.96 9.03
C PRO A 87 32.45 -3.28 10.29
N ILE A 88 32.16 -1.99 10.15
CA ILE A 88 31.56 -1.21 11.23
C ILE A 88 30.21 -0.71 10.75
N VAL A 89 29.22 -0.71 11.65
CA VAL A 89 27.85 -0.38 11.32
C VAL A 89 27.56 1.00 11.90
N THR A 90 27.69 2.03 11.07
CA THR A 90 27.31 3.38 11.47
C THR A 90 25.81 3.58 11.22
N GLY A 91 25.16 4.27 12.14
CA GLY A 91 23.75 4.55 11.97
C GLY A 91 23.31 5.85 12.61
N VAL A 92 21.99 6.05 12.70
CA VAL A 92 21.41 7.26 13.27
C VAL A 92 20.28 6.85 14.19
N GLY A 93 20.28 7.38 15.41
CA GLY A 93 19.27 7.03 16.40
C GLY A 93 19.40 5.60 16.84
N LYS A 94 20.47 5.30 17.58
CA LYS A 94 20.75 3.92 17.98
C LYS A 94 19.68 3.41 18.93
N VAL A 95 18.80 2.55 18.41
CA VAL A 95 17.80 1.87 19.22
C VAL A 95 18.30 0.45 19.47
N SER A 96 17.74 -0.18 20.51
CA SER A 96 18.29 -1.38 21.13
C SER A 96 18.82 -2.41 20.14
N GLU A 97 17.98 -2.90 19.25
CA GLU A 97 18.37 -3.94 18.31
C GLU A 97 18.87 -3.39 16.98
N GLY A 98 18.93 -2.08 16.83
CA GLY A 98 19.35 -1.48 15.57
C GLY A 98 18.82 -0.08 15.44
N PHE A 99 19.48 0.70 14.58
CA PHE A 99 19.13 2.10 14.40
C PHE A 99 17.71 2.23 13.85
N SER A 100 17.16 3.44 13.94
CA SER A 100 15.78 3.67 13.52
C SER A 100 15.63 4.92 12.64
N ASP A 101 16.73 5.47 12.12
CA ASP A 101 16.61 6.59 11.20
C ASP A 101 17.42 6.35 9.93
N GLU A 102 18.54 5.63 10.06
CA GLU A 102 19.49 5.45 8.98
C GLU A 102 20.54 4.44 9.43
N VAL A 103 21.02 3.63 8.48
CA VAL A 103 22.02 2.61 8.76
C VAL A 103 23.07 2.66 7.65
N SER A 104 24.32 2.83 8.02
CA SER A 104 25.44 2.73 7.09
C SER A 104 26.28 1.53 7.47
N ILE A 105 27.02 1.02 6.48
CA ILE A 105 27.92 -0.11 6.70
C ILE A 105 29.25 0.22 6.04
N VAL A 106 30.33 0.13 6.82
CA VAL A 106 31.65 0.56 6.38
C VAL A 106 32.47 -0.67 6.03
N TYR A 107 32.69 -0.88 4.73
CA TYR A 107 33.69 -1.83 4.25
C TYR A 107 34.89 -1.03 3.74
N ASN A 108 36.09 -1.47 4.10
CA ASN A 108 37.32 -0.82 3.63
C ASN A 108 38.37 -1.88 3.35
N TYR A 109 39.15 -1.69 2.30
CA TYR A 109 40.12 -2.71 1.95
C TYR A 109 41.55 -2.21 2.08
N GLY A 110 41.97 -1.28 1.24
CA GLY A 110 43.32 -0.77 1.38
C GLY A 110 43.35 0.73 1.31
N TYR A 111 42.48 1.24 0.46
CA TYR A 111 42.53 2.62 -0.01
C TYR A 111 41.16 3.04 -0.51
N VAL A 112 40.17 2.19 -0.31
CA VAL A 112 38.83 2.34 -0.86
C VAL A 112 37.87 2.09 0.28
N LYS A 113 36.84 2.93 0.37
CA LYS A 113 35.79 2.76 1.35
C LYS A 113 34.48 2.60 0.61
N LYS A 114 33.90 1.41 0.72
CA LYS A 114 32.53 1.16 0.27
C LYS A 114 31.60 1.37 1.46
N ILE A 115 30.78 2.40 1.37
CA ILE A 115 29.80 2.77 2.39
C ILE A 115 28.42 2.38 1.87
N PHE A 116 27.72 1.55 2.64
CA PHE A 116 26.34 1.16 2.33
C PHE A 116 25.40 1.96 3.23
N THR A 117 24.90 3.08 2.71
CA THR A 117 23.90 3.86 3.42
C THR A 117 22.51 3.34 3.09
N ILE A 118 21.68 3.19 4.12
CA ILE A 118 20.31 2.71 3.94
C ILE A 118 19.40 3.58 4.79
N LYS A 119 18.62 4.43 4.16
CA LYS A 119 17.69 5.30 4.87
C LYS A 119 16.44 4.53 5.25
N ASN A 120 15.79 4.96 6.34
CA ASN A 120 14.55 4.35 6.80
C ASN A 120 13.34 5.08 6.19
N ASN A 121 13.36 5.19 4.86
CA ASN A 121 12.28 5.80 4.11
C ASN A 121 11.38 4.71 3.51
N GLU A 122 10.34 5.15 2.83
CA GLU A 122 9.42 4.21 2.17
C GLU A 122 10.03 3.61 0.92
N ASN A 123 11.00 4.29 0.30
CA ASN A 123 11.57 3.80 -0.94
C ASN A 123 12.40 2.53 -0.70
N TYR A 124 12.64 1.83 -1.81
CA TYR A 124 13.56 0.70 -1.84
C TYR A 124 14.96 1.12 -2.26
N THR A 125 15.28 2.40 -2.05
CA THR A 125 16.56 2.94 -2.46
C THR A 125 17.59 2.83 -1.33
N PHE A 126 18.86 2.82 -1.73
CA PHE A 126 19.97 2.87 -0.79
C PHE A 126 21.20 3.37 -1.52
N PHE A 127 22.09 4.02 -0.78
CA PHE A 127 23.23 4.71 -1.35
C PHE A 127 24.48 3.86 -1.21
N VAL A 128 25.29 3.88 -2.26
CA VAL A 128 26.62 3.26 -2.24
C VAL A 128 27.61 4.39 -2.42
N ASP A 129 28.10 4.92 -1.31
CA ASP A 129 29.17 5.91 -1.34
C ASP A 129 30.49 5.16 -1.39
N ILE A 130 31.50 5.79 -1.98
CA ILE A 130 32.78 5.10 -2.13
C ILE A 130 33.88 6.13 -2.27
N GLU A 131 35.03 5.83 -1.66
CA GLU A 131 36.24 6.64 -1.81
C GLU A 131 37.41 5.74 -2.20
N ASN A 132 38.39 6.31 -2.88
CA ASN A 132 39.52 5.54 -3.37
C ASN A 132 40.76 6.41 -3.43
N SER A 133 41.92 5.76 -3.36
CA SER A 133 43.19 6.42 -3.61
C SER A 133 43.73 6.14 -5.02
N LYS A 134 43.45 4.96 -5.56
CA LYS A 134 43.77 4.63 -6.93
C LYS A 134 42.53 4.07 -7.62
N PRO A 135 42.41 4.24 -8.94
CA PRO A 135 41.17 3.84 -9.64
C PRO A 135 40.84 2.36 -9.47
N VAL A 136 39.54 2.06 -9.39
CA VAL A 136 39.06 0.69 -9.22
C VAL A 136 37.77 0.50 -10.00
N ASP A 137 37.31 -0.75 -10.04
CA ASP A 137 36.05 -1.13 -10.67
C ASP A 137 35.22 -1.89 -9.66
N VAL A 138 33.90 -1.69 -9.71
CA VAL A 138 32.96 -2.35 -8.81
C VAL A 138 31.81 -2.87 -9.64
N THR A 139 31.41 -4.12 -9.40
CA THR A 139 30.37 -4.74 -10.20
C THR A 139 29.01 -4.11 -9.93
N VAL A 140 28.12 -4.20 -10.92
CA VAL A 140 26.75 -3.70 -10.79
C VAL A 140 25.79 -4.89 -10.71
N PRO A 141 24.77 -4.83 -9.86
CA PRO A 141 23.86 -5.97 -9.73
C PRO A 141 22.86 -6.04 -10.87
N ARG A 142 22.38 -7.26 -11.12
CA ARG A 142 21.33 -7.47 -12.10
C ARG A 142 20.43 -8.61 -11.64
N VAL A 143 19.12 -8.40 -11.74
CA VAL A 143 18.14 -9.43 -11.43
C VAL A 143 17.54 -10.05 -12.68
N SER A 144 17.76 -9.46 -13.85
CA SER A 144 17.23 -10.01 -15.09
C SER A 144 17.83 -11.39 -15.36
N VAL A 145 16.96 -12.35 -15.66
CA VAL A 145 17.40 -13.70 -16.01
C VAL A 145 18.32 -13.65 -17.22
N ASP A 146 17.82 -13.15 -18.34
CA ASP A 146 18.63 -12.91 -19.52
C ASP A 146 18.79 -11.42 -19.77
N THR A 147 19.87 -11.06 -20.45
CA THR A 147 20.24 -9.65 -20.65
C THR A 147 19.59 -9.06 -21.89
N SER A 148 18.28 -9.24 -22.01
CA SER A 148 17.46 -8.47 -22.95
C SER A 148 16.68 -7.36 -22.28
N THR A 149 16.49 -7.45 -20.96
CA THR A 149 15.72 -6.46 -20.24
C THR A 149 16.57 -5.25 -19.85
N ASP A 150 17.81 -5.49 -19.45
CA ASP A 150 18.70 -4.41 -19.03
C ASP A 150 18.84 -3.36 -20.14
N ARG A 151 18.94 -2.10 -19.73
CA ARG A 151 19.01 -0.99 -20.67
C ARG A 151 20.05 0.01 -20.17
N TYR A 152 21.08 0.22 -20.96
CA TYR A 152 22.12 1.19 -20.63
C TYR A 152 21.59 2.58 -20.97
N LEU A 153 21.05 3.27 -19.99
CA LEU A 153 20.50 4.59 -20.22
C LEU A 153 21.62 5.64 -20.22
N GLU A 154 21.23 6.90 -20.34
CA GLU A 154 22.20 7.99 -20.35
C GLU A 154 22.99 8.03 -19.04
N ASN A 155 22.31 8.32 -17.94
CA ASN A 155 22.94 8.35 -16.63
C ASN A 155 22.54 7.17 -15.76
N TYR A 156 21.48 6.47 -16.10
CA TYR A 156 20.95 5.40 -15.28
C TYR A 156 21.25 4.05 -15.95
N PHE A 157 20.86 2.98 -15.26
CA PHE A 157 21.02 1.63 -15.80
C PHE A 157 19.96 0.76 -15.14
N ALA A 158 19.01 0.29 -15.94
CA ALA A 158 17.93 -0.54 -15.43
C ALA A 158 18.26 -2.01 -15.60
N SER A 159 17.73 -2.83 -14.70
CA SER A 159 17.78 -4.28 -14.85
C SER A 159 16.47 -4.81 -14.26
N PHE A 160 15.49 -4.99 -15.14
CA PHE A 160 14.15 -5.40 -14.74
C PHE A 160 14.04 -6.92 -14.83
N ASN A 161 13.32 -7.51 -13.88
CA ASN A 161 13.04 -8.95 -13.88
C ASN A 161 11.54 -9.14 -13.97
N PRO A 162 10.99 -9.35 -15.16
CA PRO A 162 9.52 -9.43 -15.30
C PRO A 162 8.91 -10.58 -14.54
N LYS A 163 9.66 -11.67 -14.32
CA LYS A 163 9.11 -12.81 -13.58
C LYS A 163 8.68 -12.39 -12.18
N THR A 164 9.56 -11.72 -11.45
CA THR A 164 9.24 -11.25 -10.10
C THR A 164 8.80 -9.80 -10.08
N ARG A 165 8.77 -9.13 -11.24
CA ARG A 165 8.49 -7.70 -11.34
C ARG A 165 9.40 -6.90 -10.39
N THR A 166 10.67 -7.27 -10.38
CA THR A 166 11.69 -6.60 -9.56
C THR A 166 12.60 -5.81 -10.49
N LEU A 167 12.84 -4.55 -10.14
CA LEU A 167 13.62 -3.63 -10.96
C LEU A 167 14.87 -3.20 -10.21
N VAL A 168 16.02 -3.37 -10.85
CA VAL A 168 17.28 -2.85 -10.36
C VAL A 168 17.65 -1.67 -11.23
N LEU A 169 17.49 -0.46 -10.68
CA LEU A 169 17.75 0.78 -11.40
C LEU A 169 18.60 1.67 -10.52
N LEU A 170 19.80 2.00 -11.00
CA LEU A 170 20.69 2.89 -10.27
C LEU A 170 21.09 4.05 -11.16
N LYS A 171 21.47 5.15 -10.52
CA LYS A 171 21.94 6.35 -11.20
C LYS A 171 23.46 6.45 -11.05
N HIS A 172 24.15 6.53 -12.18
CA HIS A 172 25.58 6.79 -12.22
C HIS A 172 25.83 8.12 -12.93
N ASP A 173 27.07 8.59 -12.85
CA ASP A 173 27.44 9.85 -13.50
C ASP A 173 28.01 9.66 -14.90
N GLU A 174 28.36 8.44 -15.28
CA GLU A 174 28.94 8.19 -16.59
C GLU A 174 27.88 8.32 -17.68
N GLY A 175 27.74 9.51 -18.28
CA GLY A 175 26.69 9.68 -19.25
C GLY A 175 26.92 8.87 -20.50
N LEU A 176 26.18 7.76 -20.62
CA LEU A 176 26.14 6.89 -21.79
C LEU A 176 27.45 6.14 -21.98
N LEU A 177 28.50 6.54 -21.25
CA LEU A 177 29.81 5.91 -21.40
C LEU A 177 29.91 4.83 -20.33
N PHE A 178 29.33 3.67 -20.63
CA PHE A 178 29.19 2.62 -19.64
C PHE A 178 29.78 1.33 -20.19
N GLU A 179 30.64 0.70 -19.40
CA GLU A 179 31.29 -0.56 -19.75
C GLU A 179 31.11 -1.52 -18.57
N GLY A 180 29.99 -2.26 -18.56
CA GLY A 180 29.88 -3.35 -17.61
C GLY A 180 29.87 -2.94 -16.16
N THR A 181 31.01 -3.12 -15.50
CA THR A 181 31.20 -2.66 -14.13
C THR A 181 31.27 -1.13 -14.08
N LEU A 182 31.43 -0.60 -12.88
CA LEU A 182 31.58 0.83 -12.64
C LEU A 182 33.04 1.14 -12.36
N LYS A 183 33.67 1.92 -13.24
CA LYS A 183 35.03 2.38 -13.04
C LYS A 183 34.98 3.73 -12.32
N VAL A 184 35.80 3.87 -11.27
CA VAL A 184 35.70 5.03 -10.40
C VAL A 184 37.09 5.38 -9.88
N ASN A 185 37.33 6.70 -9.80
CA ASN A 185 38.44 7.27 -9.06
C ASN A 185 37.91 8.36 -8.15
N GLY A 186 38.68 8.71 -7.14
CA GLY A 186 38.25 9.70 -6.16
C GLY A 186 37.16 9.21 -5.23
N GLN A 187 36.02 9.89 -5.21
CA GLN A 187 34.89 9.49 -4.40
C GLN A 187 33.60 9.76 -5.17
N LYS A 188 32.59 8.93 -4.92
CA LYS A 188 31.31 9.06 -5.60
C LYS A 188 30.19 8.52 -4.72
N ARG A 189 29.04 9.18 -4.76
CA ARG A 189 27.81 8.69 -4.16
C ARG A 189 26.92 8.12 -5.25
N PHE A 190 26.48 6.88 -5.08
CA PHE A 190 25.64 6.20 -6.06
C PHE A 190 24.26 5.97 -5.48
N ILE A 191 23.24 6.28 -6.27
CA ILE A 191 21.86 6.09 -5.84
C ILE A 191 21.31 4.87 -6.56
N VAL A 192 20.89 3.87 -5.79
CA VAL A 192 20.40 2.59 -6.32
C VAL A 192 18.93 2.43 -5.95
N PHE A 193 18.14 1.91 -6.88
CA PHE A 193 16.78 1.51 -6.64
C PHE A 193 16.68 0.01 -6.91
N MET A 194 16.20 -0.74 -5.93
CA MET A 194 16.07 -2.19 -6.06
C MET A 194 14.79 -2.63 -5.40
N GLY A 195 13.81 -3.04 -6.21
CA GLY A 195 12.54 -3.48 -5.72
C GLY A 195 11.52 -3.59 -6.83
N PRO A 196 10.24 -3.58 -6.48
CA PRO A 196 9.20 -3.59 -7.50
C PRO A 196 9.19 -2.32 -8.32
N ASN A 197 8.49 -2.36 -9.45
CA ASN A 197 8.46 -1.24 -10.39
C ASN A 197 7.24 -0.35 -10.13
N LYS A 198 7.15 0.14 -8.90
CA LYS A 198 6.09 1.07 -8.53
C LYS A 198 6.48 2.46 -9.03
N ARG A 199 5.76 2.96 -10.03
CA ARG A 199 6.16 4.17 -10.72
C ARG A 199 6.16 5.38 -9.79
N THR A 200 5.21 5.43 -8.84
CA THR A 200 5.20 6.51 -7.87
C THR A 200 6.50 6.56 -7.09
N LEU A 201 6.98 5.41 -6.62
CA LEU A 201 8.22 5.36 -5.87
C LEU A 201 9.42 5.74 -6.73
N ILE A 202 9.41 5.34 -8.00
CA ILE A 202 10.48 5.74 -8.91
C ILE A 202 10.50 7.25 -9.09
N LYS A 203 9.32 7.85 -9.21
CA LYS A 203 9.23 9.31 -9.34
C LYS A 203 9.89 10.00 -8.15
N LYS A 204 9.62 9.50 -6.94
CA LYS A 204 10.30 10.04 -5.77
C LYS A 204 11.79 9.71 -5.79
N ALA A 205 12.14 8.53 -6.30
CA ALA A 205 13.54 8.10 -6.29
C ALA A 205 14.39 8.97 -7.24
N PHE A 206 13.89 9.21 -8.46
CA PHE A 206 14.63 9.98 -9.46
C PHE A 206 13.70 11.02 -10.08
N PRO A 207 13.32 12.05 -9.32
CA PRO A 207 12.41 13.06 -9.87
C PRO A 207 13.07 14.02 -10.85
N GLU A 208 14.40 14.00 -10.97
CA GLU A 208 15.08 14.91 -11.87
C GLU A 208 14.75 14.60 -13.32
N ASP A 209 14.98 13.37 -13.75
CA ASP A 209 14.75 12.93 -15.11
C ASP A 209 13.81 11.74 -15.17
N TYR A 210 12.79 11.74 -14.30
CA TYR A 210 11.82 10.65 -14.30
C TYR A 210 11.08 10.57 -15.63
N ASP A 211 10.63 11.73 -16.15
CA ASP A 211 9.88 11.73 -17.40
C ASP A 211 10.72 11.16 -18.54
N VAL A 212 12.00 11.53 -18.61
CA VAL A 212 12.90 10.94 -19.59
C VAL A 212 13.14 9.47 -19.26
N LEU A 213 13.13 9.11 -17.97
CA LEU A 213 13.42 7.75 -17.56
C LEU A 213 12.25 6.81 -17.78
N ILE A 214 11.01 7.29 -17.60
CA ILE A 214 9.85 6.42 -17.69
C ILE A 214 9.57 6.05 -19.15
N LYS A 215 9.87 6.94 -20.10
CA LYS A 215 9.68 6.61 -21.51
C LYS A 215 10.47 5.37 -21.90
N ALA A 216 11.73 5.30 -21.48
CA ALA A 216 12.54 4.12 -21.72
C ALA A 216 11.96 2.90 -21.02
N LEU A 217 11.59 3.05 -19.75
CA LEU A 217 11.17 1.91 -18.94
C LEU A 217 9.91 1.25 -19.50
N VAL A 218 8.97 2.05 -19.99
CA VAL A 218 7.73 1.49 -20.52
C VAL A 218 8.02 0.54 -21.68
N ASN A 219 8.94 0.91 -22.57
CA ASN A 219 9.22 0.11 -23.75
C ASN A 219 9.93 -1.20 -23.43
N ILE A 220 10.36 -1.41 -22.19
CA ILE A 220 10.89 -2.72 -21.79
C ILE A 220 9.77 -3.73 -21.91
N PRO A 221 9.93 -4.81 -22.69
CA PRO A 221 8.87 -5.81 -22.80
C PRO A 221 8.69 -6.56 -21.49
N GLY A 222 7.43 -6.65 -21.04
CA GLY A 222 7.10 -7.27 -19.79
C GLY A 222 6.90 -6.31 -18.64
N PHE A 223 7.57 -5.15 -18.71
CA PHE A 223 7.36 -4.10 -17.72
C PHE A 223 5.88 -3.76 -17.58
N ASN A 224 5.28 -3.31 -18.67
CA ASN A 224 3.92 -2.78 -18.67
C ASN A 224 2.96 -3.93 -18.95
N LYS A 225 2.31 -4.43 -17.90
CA LYS A 225 1.17 -5.33 -18.07
C LYS A 225 -0.02 -4.55 -18.58
N TRP A 226 -0.90 -5.25 -19.31
CA TRP A 226 -1.97 -4.59 -20.05
C TRP A 226 -2.81 -3.66 -19.17
N TYR A 227 -3.18 -4.11 -17.97
CA TYR A 227 -4.04 -3.33 -17.10
C TYR A 227 -3.35 -2.12 -16.47
N ASP A 228 -2.03 -1.99 -16.61
CA ASP A 228 -1.30 -0.89 -15.96
C ASP A 228 -1.73 0.47 -16.47
N SER A 229 -2.33 0.55 -17.66
CA SER A 229 -2.78 1.84 -18.18
C SER A 229 -3.87 2.44 -17.29
N VAL A 230 -5.02 1.75 -17.23
CA VAL A 230 -6.11 2.19 -16.36
C VAL A 230 -5.66 2.19 -14.91
N PHE A 231 -5.05 1.08 -14.48
CA PHE A 231 -4.62 0.95 -13.09
C PHE A 231 -3.78 2.14 -12.63
N TYR A 232 -2.79 2.54 -13.43
CA TYR A 232 -1.94 3.66 -13.06
C TYR A 232 -2.63 5.01 -13.27
N GLY A 233 -3.57 5.10 -14.21
CA GLY A 233 -4.44 6.26 -14.25
C GLY A 233 -5.09 6.51 -12.90
N LEU A 234 -5.69 5.46 -12.32
CA LEU A 234 -6.29 5.59 -11.00
C LEU A 234 -5.23 5.85 -9.92
N VAL A 235 -4.08 5.19 -10.03
CA VAL A 235 -3.02 5.35 -9.02
C VAL A 235 -2.60 6.82 -8.94
N TRP A 236 -2.33 7.44 -10.08
CA TRP A 236 -1.94 8.84 -10.11
C TRP A 236 -3.11 9.75 -9.75
N PHE A 237 -4.35 9.32 -9.98
CA PHE A 237 -5.48 10.06 -9.44
C PHE A 237 -5.41 10.12 -7.92
N PHE A 238 -5.17 8.98 -7.27
CA PHE A 238 -5.06 8.99 -5.82
C PHE A 238 -3.83 9.75 -5.35
N TRP A 239 -2.76 9.73 -6.15
CA TRP A 239 -1.58 10.53 -5.82
C TRP A 239 -1.91 12.02 -5.85
N TRP A 240 -2.76 12.43 -6.80
CA TRP A 240 -3.20 13.82 -6.85
C TRP A 240 -4.11 14.15 -5.68
N LEU A 241 -5.01 13.23 -5.30
CA LEU A 241 -5.88 13.47 -4.16
C LEU A 241 -5.07 13.61 -2.87
N LYS A 242 -4.17 12.66 -2.60
CA LYS A 242 -3.30 12.77 -1.43
C LYS A 242 -2.52 14.07 -1.43
N ASP A 243 -2.03 14.50 -2.60
CA ASP A 243 -1.30 15.75 -2.70
C ASP A 243 -2.25 16.94 -2.79
N LEU A 244 -3.50 16.74 -2.35
CA LEU A 244 -4.46 17.83 -2.22
C LEU A 244 -5.05 17.83 -0.82
N THR A 245 -5.18 16.65 -0.19
CA THR A 245 -6.00 16.48 1.00
C THR A 245 -5.21 15.97 2.21
N LYS A 246 -3.90 16.24 2.23
CA LYS A 246 -2.95 16.06 3.34
C LYS A 246 -2.58 14.62 3.67
N ASN A 247 -3.40 13.66 3.23
CA ASN A 247 -3.17 12.25 3.53
C ASN A 247 -4.20 11.38 2.82
N PHE A 248 -4.14 10.07 3.04
CA PHE A 248 -4.94 9.14 2.25
C PHE A 248 -6.35 8.94 2.78
N GLY A 249 -6.53 9.01 4.10
CA GLY A 249 -7.85 8.81 4.67
C GLY A 249 -8.87 9.78 4.10
N TRP A 250 -8.49 11.05 4.01
CA TRP A 250 -9.33 12.03 3.33
C TRP A 250 -9.49 11.70 1.85
N ALA A 251 -8.40 11.25 1.21
CA ALA A 251 -8.46 10.92 -0.21
C ALA A 251 -9.49 9.84 -0.48
N ILE A 252 -9.60 8.85 0.41
CA ILE A 252 -10.68 7.88 0.32
C ILE A 252 -12.02 8.60 0.42
N MET A 253 -12.21 9.39 1.48
CA MET A 253 -13.49 10.02 1.76
C MET A 253 -14.00 10.83 0.56
N LEU A 254 -13.14 11.67 -0.02
CA LEU A 254 -13.55 12.38 -1.23
C LEU A 254 -13.75 11.42 -2.38
N PHE A 255 -12.88 10.42 -2.49
CA PHE A 255 -13.06 9.39 -3.52
C PHE A 255 -14.41 8.70 -3.36
N THR A 256 -14.75 8.31 -2.13
CA THR A 256 -16.08 7.79 -1.85
C THR A 256 -17.15 8.80 -2.27
N LEU A 257 -17.02 10.04 -1.79
CA LEU A 257 -17.94 11.10 -2.19
C LEU A 257 -18.00 11.24 -3.70
N ILE A 258 -16.83 11.28 -4.36
CA ILE A 258 -16.80 11.31 -5.81
C ILE A 258 -17.55 10.12 -6.39
N VAL A 259 -17.21 8.91 -5.92
CA VAL A 259 -17.83 7.70 -6.46
C VAL A 259 -19.35 7.75 -6.27
N ARG A 260 -19.80 8.11 -5.07
CA ARG A 260 -21.24 8.23 -4.84
C ARG A 260 -21.84 9.38 -5.64
N LEU A 261 -21.09 10.49 -5.79
CA LEU A 261 -21.61 11.65 -6.53
C LEU A 261 -21.69 11.38 -8.02
N ILE A 262 -20.62 10.84 -8.62
CA ILE A 262 -20.57 10.70 -10.07
C ILE A 262 -21.71 9.80 -10.55
N LEU A 263 -22.01 8.74 -9.79
CA LEU A 263 -23.19 7.93 -10.05
C LEU A 263 -24.11 8.09 -8.84
N TYR A 264 -24.84 9.20 -8.81
CA TYR A 264 -25.86 9.41 -7.80
C TYR A 264 -27.17 8.69 -8.12
N PRO A 265 -27.78 8.88 -9.32
CA PRO A 265 -29.23 8.64 -9.49
C PRO A 265 -29.80 7.44 -8.78
N LEU A 266 -29.00 6.38 -8.63
CA LEU A 266 -29.42 5.17 -7.94
C LEU A 266 -30.18 5.43 -6.64
N TYR A 267 -29.69 6.35 -5.79
CA TYR A 267 -30.41 6.65 -4.56
C TYR A 267 -31.86 7.05 -4.86
N HIS A 268 -32.06 7.94 -5.84
CA HIS A 268 -33.39 8.17 -6.38
C HIS A 268 -34.02 6.84 -6.80
N ALA A 269 -33.35 6.13 -7.71
CA ALA A 269 -33.88 4.87 -8.21
C ALA A 269 -34.09 3.85 -7.10
N GLN A 270 -33.06 3.62 -6.27
CA GLN A 270 -33.18 2.68 -5.17
C GLN A 270 -34.20 3.12 -4.14
N THR A 271 -34.48 4.42 -4.03
CA THR A 271 -35.57 4.88 -3.18
C THR A 271 -36.87 5.09 -3.94
N LYS A 272 -36.84 5.50 -5.21
CA LYS A 272 -38.08 5.58 -5.98
C LYS A 272 -38.75 4.21 -6.06
N SER A 273 -37.98 3.18 -6.42
CA SER A 273 -38.46 1.82 -6.29
C SER A 273 -38.89 1.52 -4.86
N LEU A 274 -38.22 2.15 -3.88
CA LEU A 274 -38.55 1.96 -2.48
C LEU A 274 -39.62 2.93 -1.99
N ILE A 275 -39.71 4.13 -2.55
CA ILE A 275 -40.78 5.06 -2.20
C ILE A 275 -42.13 4.42 -2.48
N ASN A 276 -42.34 3.96 -3.71
CA ASN A 276 -43.56 3.24 -4.03
C ASN A 276 -43.67 1.96 -3.21
N MET A 277 -42.54 1.32 -2.92
CA MET A 277 -42.57 0.10 -2.11
C MET A 277 -42.81 0.40 -0.64
N ARG A 278 -41.90 1.17 -0.01
CA ARG A 278 -42.05 1.50 1.41
C ARG A 278 -43.34 2.26 1.70
N LYS A 279 -44.02 2.77 0.66
CA LYS A 279 -45.37 3.31 0.85
C LYS A 279 -46.41 2.20 0.88
N LEU A 280 -46.17 1.10 0.17
CA LEU A 280 -47.18 0.07 -0.05
C LEU A 280 -46.69 -1.30 0.43
N GLN A 281 -45.98 -1.34 1.55
CA GLN A 281 -45.45 -2.58 2.10
C GLN A 281 -46.58 -3.36 2.77
N PRO A 282 -46.29 -4.59 3.31
CA PRO A 282 -47.36 -5.43 3.89
C PRO A 282 -48.40 -4.73 4.76
N GLN A 283 -48.07 -3.59 5.38
CA GLN A 283 -49.06 -2.90 6.18
C GLN A 283 -50.09 -2.17 5.32
N ILE A 284 -49.67 -1.63 4.18
CA ILE A 284 -50.61 -0.94 3.29
C ILE A 284 -51.35 -1.94 2.42
N GLU A 285 -50.64 -2.93 1.89
CA GLU A 285 -51.32 -4.09 1.31
C GLU A 285 -52.20 -4.77 2.34
N ALA A 286 -51.83 -4.68 3.61
CA ALA A 286 -52.66 -5.13 4.73
C ALA A 286 -53.00 -6.61 4.63
N ILE A 287 -52.08 -7.39 4.10
CA ILE A 287 -52.26 -8.84 3.95
C ILE A 287 -51.10 -9.52 4.67
N LYS A 288 -51.28 -9.81 5.95
CA LYS A 288 -50.26 -10.49 6.74
C LYS A 288 -50.71 -11.86 7.21
N LYS A 289 -51.82 -11.96 7.92
CA LYS A 289 -52.38 -13.24 8.35
C LYS A 289 -53.54 -13.54 7.39
N LYS A 290 -53.22 -14.17 6.26
CA LYS A 290 -54.14 -14.19 5.14
C LYS A 290 -54.43 -15.59 4.62
N TYR A 291 -55.00 -15.65 3.41
CA TYR A 291 -55.51 -16.83 2.74
C TYR A 291 -54.63 -18.07 2.89
N LYS A 292 -53.32 -17.91 2.93
CA LYS A 292 -52.45 -19.07 3.14
C LYS A 292 -51.11 -18.61 3.74
N ASP A 293 -50.13 -19.51 3.71
CA ASP A 293 -48.93 -19.53 4.55
C ASP A 293 -47.97 -20.53 3.89
N PRO A 294 -46.76 -20.90 4.47
CA PRO A 294 -45.76 -21.61 3.65
C PRO A 294 -46.24 -22.99 3.20
N THR A 295 -45.34 -23.82 2.63
CA THR A 295 -45.69 -24.75 1.54
C THR A 295 -45.97 -23.93 0.30
N LYS A 296 -44.88 -23.53 -0.36
CA LYS A 296 -44.62 -22.21 -0.93
C LYS A 296 -45.83 -21.48 -1.49
N GLN A 297 -46.36 -21.93 -2.63
CA GLN A 297 -47.60 -21.42 -3.21
C GLN A 297 -47.80 -19.92 -3.03
N GLN A 298 -46.82 -19.09 -3.42
CA GLN A 298 -46.99 -17.65 -3.25
C GLN A 298 -48.17 -17.18 -4.08
N GLU A 299 -48.01 -17.21 -5.41
CA GLU A 299 -49.10 -17.24 -6.38
C GLU A 299 -49.92 -15.96 -6.45
N ALA A 300 -49.83 -15.11 -5.44
CA ALA A 300 -50.53 -13.83 -5.47
C ALA A 300 -49.60 -12.64 -5.31
N LEU A 301 -48.81 -12.60 -4.23
CA LEU A 301 -48.10 -11.38 -3.85
C LEU A 301 -47.24 -10.86 -4.99
N LEU A 302 -46.29 -11.67 -5.46
CA LEU A 302 -45.37 -11.28 -6.52
C LEU A 302 -46.13 -10.72 -7.72
N LYS A 303 -47.02 -11.55 -8.30
CA LYS A 303 -47.74 -11.12 -9.50
C LYS A 303 -48.72 -9.99 -9.21
N LEU A 304 -49.38 -10.01 -8.06
CA LEU A 304 -50.33 -8.94 -7.75
C LEU A 304 -49.62 -7.62 -7.48
N TYR A 305 -48.43 -7.65 -6.85
CA TYR A 305 -47.67 -6.42 -6.71
C TYR A 305 -46.86 -6.09 -7.95
N ARG A 306 -46.76 -7.03 -8.91
CA ARG A 306 -46.04 -6.77 -10.16
C ARG A 306 -46.94 -5.99 -11.13
N GLU A 307 -47.44 -4.86 -10.65
CA GLU A 307 -48.15 -3.86 -11.44
C GLU A 307 -47.53 -2.49 -11.31
N ALA A 308 -47.10 -2.09 -10.12
CA ALA A 308 -46.49 -0.79 -9.94
C ALA A 308 -45.12 -0.74 -10.62
N GLY A 309 -44.79 0.41 -11.19
CA GLY A 309 -43.53 0.58 -11.88
C GLY A 309 -42.37 0.69 -10.91
N VAL A 310 -42.04 -0.41 -10.24
CA VAL A 310 -41.00 -0.42 -9.23
C VAL A 310 -39.83 -1.27 -9.72
N ASN A 311 -38.75 -1.31 -8.94
CA ASN A 311 -37.56 -2.09 -9.27
C ASN A 311 -37.24 -2.99 -8.07
N PRO A 312 -37.77 -4.20 -8.05
CA PRO A 312 -37.42 -5.15 -6.98
C PRO A 312 -35.94 -5.50 -7.02
N ALA A 313 -35.50 -6.20 -5.98
CA ALA A 313 -34.09 -6.53 -5.78
C ALA A 313 -33.23 -5.26 -5.77
N SER A 314 -33.68 -4.28 -5.00
CA SER A 314 -32.99 -2.99 -4.93
C SER A 314 -31.68 -3.10 -4.15
N GLY A 315 -31.75 -3.54 -2.89
CA GLY A 315 -30.56 -3.62 -2.07
C GLY A 315 -29.59 -4.70 -2.48
N CYS A 316 -30.03 -5.68 -3.26
CA CYS A 316 -29.18 -6.79 -3.66
C CYS A 316 -28.38 -6.51 -4.94
N LEU A 317 -28.74 -5.45 -5.68
CA LEU A 317 -28.07 -5.15 -6.95
C LEU A 317 -26.81 -4.32 -6.75
N MET A 318 -26.85 -3.33 -5.87
CA MET A 318 -25.72 -2.40 -5.68
C MET A 318 -24.40 -3.15 -5.47
N LEU A 319 -24.45 -4.30 -4.80
CA LEU A 319 -23.25 -5.09 -4.56
C LEU A 319 -22.50 -5.42 -5.85
N LEU A 320 -23.24 -5.68 -6.94
CA LEU A 320 -22.59 -6.12 -8.17
C LEU A 320 -21.75 -5.01 -8.79
N ILE A 321 -22.16 -3.74 -8.62
CA ILE A 321 -21.34 -2.61 -9.04
C ILE A 321 -20.47 -2.12 -7.90
N GLN A 322 -20.60 -2.71 -6.71
CA GLN A 322 -19.74 -2.34 -5.60
C GLN A 322 -18.46 -3.16 -5.56
N LEU A 323 -18.52 -4.41 -6.00
CA LEU A 323 -17.30 -5.20 -6.13
C LEU A 323 -16.25 -4.53 -7.00
N PRO A 324 -16.55 -4.07 -8.23
CA PRO A 324 -15.50 -3.39 -9.00
C PRO A 324 -14.93 -2.16 -8.30
N ILE A 325 -15.79 -1.35 -7.66
CA ILE A 325 -15.29 -0.20 -6.90
C ILE A 325 -14.47 -0.67 -5.72
N PHE A 326 -14.91 -1.73 -5.04
CA PHE A 326 -14.13 -2.30 -3.94
C PHE A 326 -12.80 -2.83 -4.43
N MET A 327 -12.82 -3.69 -5.44
CA MET A 327 -11.58 -4.31 -5.92
C MET A 327 -10.60 -3.26 -6.43
N LEU A 328 -11.08 -2.25 -7.15
CA LEU A 328 -10.20 -1.16 -7.60
C LEU A 328 -9.57 -0.45 -6.42
N LEU A 329 -10.39 -0.09 -5.42
CA LEU A 329 -9.84 0.61 -4.25
C LEU A 329 -8.94 -0.30 -3.44
N TRP A 330 -9.33 -1.57 -3.26
CA TRP A 330 -8.50 -2.50 -2.51
C TRP A 330 -7.12 -2.65 -3.17
N SER A 331 -7.10 -2.91 -4.47
CA SER A 331 -5.82 -3.07 -5.17
C SER A 331 -4.96 -1.82 -5.04
N VAL A 332 -5.59 -0.65 -5.04
CA VAL A 332 -4.84 0.60 -4.83
C VAL A 332 -4.26 0.64 -3.43
N ILE A 333 -5.00 0.14 -2.43
CA ILE A 333 -4.49 0.09 -1.07
C ILE A 333 -3.26 -0.81 -0.99
N ARG A 334 -3.33 -1.99 -1.62
CA ARG A 334 -2.18 -2.89 -1.68
C ARG A 334 -1.05 -2.32 -2.52
N TYR A 335 -1.28 -1.22 -3.24
CA TYR A 335 -0.21 -0.56 -3.99
C TYR A 335 0.54 0.43 -3.12
N TYR A 336 -0.19 1.23 -2.33
CA TYR A 336 0.43 2.27 -1.52
C TYR A 336 0.87 1.80 -0.14
N VAL A 337 1.04 0.49 0.07
CA VAL A 337 1.33 -0.02 1.42
C VAL A 337 2.53 0.68 2.02
N GLU A 338 3.61 0.81 1.27
CA GLU A 338 4.84 1.43 1.77
C GLU A 338 4.57 2.85 2.24
N GLU A 339 3.85 3.64 1.43
CA GLU A 339 3.46 4.98 1.83
C GLU A 339 2.72 4.96 3.17
N PHE A 340 1.69 4.12 3.26
CA PHE A 340 0.84 4.06 4.44
C PHE A 340 1.65 3.92 5.72
N ALA A 341 2.60 2.98 5.74
CA ALA A 341 3.34 2.69 6.97
C ALA A 341 4.15 3.89 7.44
N TYR A 342 4.70 4.67 6.51
CA TYR A 342 5.59 5.78 6.85
C TYR A 342 4.96 7.15 6.64
N SER A 343 3.77 7.23 6.07
CA SER A 343 3.09 8.51 5.87
C SER A 343 2.21 8.87 7.05
N GLY A 344 2.78 8.81 8.26
CA GLY A 344 2.07 9.20 9.46
C GLY A 344 0.87 8.31 9.75
N SER A 345 -0.23 8.95 10.17
CA SER A 345 -1.46 8.24 10.51
C SER A 345 -2.62 9.17 10.22
N PHE A 346 -3.83 8.61 10.17
CA PHE A 346 -4.99 9.46 9.86
C PHE A 346 -5.51 10.17 11.10
N LEU A 347 -6.21 9.45 11.98
CA LEU A 347 -6.55 10.00 13.30
C LEU A 347 -6.18 9.05 14.43
N ILE A 348 -6.79 7.87 14.42
CA ILE A 348 -6.46 6.80 15.34
C ILE A 348 -5.83 5.63 14.58
N TRP A 349 -6.27 5.42 13.35
CA TRP A 349 -5.79 4.35 12.49
C TRP A 349 -4.40 4.69 12.01
N LYS A 350 -3.41 4.01 12.60
CA LYS A 350 -2.01 4.32 12.32
C LYS A 350 -1.63 3.93 10.89
N ASP A 351 -2.15 2.80 10.42
CA ASP A 351 -1.97 2.36 9.04
C ASP A 351 -3.30 1.84 8.54
N LEU A 352 -3.73 2.35 7.38
CA LEU A 352 -4.98 1.94 6.77
C LEU A 352 -4.82 0.72 5.86
N SER A 353 -3.60 0.25 5.65
CA SER A 353 -3.33 -0.94 4.85
C SER A 353 -3.40 -2.22 5.67
N ALA A 354 -3.71 -2.13 6.96
CA ALA A 354 -3.76 -3.28 7.85
C ALA A 354 -5.21 -3.60 8.22
N GLY A 355 -5.42 -4.81 8.72
CA GLY A 355 -6.73 -5.27 9.11
C GLY A 355 -6.83 -5.65 10.57
N GLY A 356 -7.64 -6.67 10.86
CA GLY A 356 -7.85 -7.11 12.23
C GLY A 356 -8.91 -6.29 12.94
N PHE A 357 -9.26 -6.77 14.14
CA PHE A 357 -10.25 -6.04 14.95
C PHE A 357 -9.66 -4.78 15.55
N SER A 358 -8.34 -4.74 15.77
CA SER A 358 -7.73 -3.69 16.57
C SER A 358 -7.72 -2.32 15.87
N ASN A 359 -7.93 -2.28 14.56
CA ASN A 359 -8.08 -1.01 13.85
C ASN A 359 -9.52 -0.72 13.46
N ASN A 360 -10.24 -1.75 13.05
CA ASN A 360 -11.59 -1.63 12.53
C ASN A 360 -12.65 -1.85 13.59
N TRP A 361 -12.26 -1.85 14.88
CA TRP A 361 -13.23 -1.93 15.97
C TRP A 361 -14.10 -0.69 16.05
N LEU A 362 -13.54 0.48 15.75
CA LEU A 362 -14.25 1.74 15.80
C LEU A 362 -15.07 1.96 14.53
N PHE A 363 -14.55 1.55 13.38
CA PHE A 363 -15.39 1.52 12.18
C PHE A 363 -16.59 0.61 12.38
N LEU A 364 -16.38 -0.52 13.06
CA LEU A 364 -17.47 -1.48 13.26
C LEU A 364 -18.61 -0.85 14.06
N VAL A 365 -18.28 -0.25 15.22
CA VAL A 365 -19.32 0.31 16.07
C VAL A 365 -19.97 1.51 15.39
N ILE A 366 -19.19 2.30 14.66
CA ILE A 366 -19.76 3.44 13.94
C ILE A 366 -20.72 2.96 12.86
N THR A 367 -20.33 1.90 12.14
CA THR A 367 -21.24 1.27 11.19
C THR A 367 -22.51 0.81 11.88
N ILE A 368 -22.38 0.17 13.05
CA ILE A 368 -23.53 -0.37 13.76
C ILE A 368 -24.50 0.75 14.13
N VAL A 369 -24.02 1.79 14.80
CA VAL A 369 -24.91 2.87 15.23
C VAL A 369 -25.46 3.62 14.01
N ALA A 370 -24.63 3.85 12.99
CA ALA A 370 -25.12 4.53 11.79
C ALA A 370 -26.14 3.68 11.04
N SER A 371 -25.88 2.38 10.91
CA SER A 371 -26.85 1.51 10.24
C SER A 371 -28.17 1.49 11.01
N TYR A 372 -28.10 1.41 12.35
CA TYR A 372 -29.26 1.45 13.21
C TYR A 372 -30.24 2.55 12.80
N TYR A 373 -29.74 3.80 12.73
CA TYR A 373 -30.61 4.93 12.43
C TYR A 373 -31.06 4.90 10.96
N THR A 374 -30.18 4.49 10.04
CA THR A 374 -30.58 4.33 8.64
C THR A 374 -31.67 3.27 8.53
N THR A 375 -31.44 2.10 9.14
CA THR A 375 -32.42 1.03 9.11
C THR A 375 -33.69 1.37 9.88
N LEU A 376 -33.71 2.48 10.63
CA LEU A 376 -34.93 2.90 11.31
C LEU A 376 -36.02 3.30 10.31
N LEU A 377 -35.74 4.30 9.46
CA LEU A 377 -36.76 4.80 8.54
C LEU A 377 -37.27 3.69 7.62
N THR A 378 -36.36 2.98 6.97
CA THR A 378 -36.76 1.86 6.12
C THR A 378 -37.48 0.80 6.95
N SER A 379 -38.39 0.07 6.31
CA SER A 379 -39.04 -1.09 6.93
C SER A 379 -39.82 -0.73 8.19
N GLN A 380 -40.95 -0.02 8.03
CA GLN A 380 -41.80 0.36 9.15
C GLN A 380 -42.36 -0.85 9.90
N ASP A 381 -41.99 -2.07 9.48
CA ASP A 381 -42.42 -3.29 10.14
C ASP A 381 -41.47 -3.61 11.29
N ALA A 382 -41.58 -4.81 11.85
CA ALA A 382 -40.67 -5.25 12.91
C ALA A 382 -39.45 -5.98 12.35
N ARG A 383 -39.15 -5.80 11.06
CA ARG A 383 -37.95 -6.41 10.49
C ARG A 383 -36.70 -5.72 11.00
N THR A 384 -36.81 -4.45 11.40
CA THR A 384 -35.63 -3.66 11.81
C THR A 384 -34.82 -4.38 12.88
N ALA A 385 -35.49 -4.88 13.92
CA ALA A 385 -34.79 -5.61 14.99
C ALA A 385 -33.94 -6.73 14.42
N TRP A 386 -34.48 -7.46 13.44
CA TRP A 386 -33.70 -8.46 12.73
C TRP A 386 -32.89 -7.86 11.59
N GLN A 387 -33.29 -6.70 11.06
CA GLN A 387 -32.58 -6.10 9.92
C GLN A 387 -31.31 -5.37 10.38
N GLY A 388 -31.32 -4.79 11.57
CA GLY A 388 -30.10 -4.22 12.12
C GLY A 388 -29.01 -5.26 12.27
N ILE A 389 -29.40 -6.48 12.64
CA ILE A 389 -28.42 -7.54 12.88
C ILE A 389 -27.73 -7.94 11.58
N ILE A 390 -28.52 -8.30 10.56
CA ILE A 390 -27.96 -8.93 9.36
C ILE A 390 -26.88 -8.05 8.74
N MET A 391 -27.16 -6.76 8.55
CA MET A 391 -26.19 -5.91 7.88
C MET A 391 -25.03 -5.56 8.79
N SER A 392 -25.32 -4.87 9.90
CA SER A 392 -24.26 -4.28 10.73
C SER A 392 -23.43 -5.35 11.44
N VAL A 393 -24.10 -6.29 12.13
CA VAL A 393 -23.38 -7.16 13.05
C VAL A 393 -22.68 -8.29 12.32
N ILE A 394 -23.28 -8.81 11.25
CA ILE A 394 -22.82 -10.07 10.65
C ILE A 394 -21.74 -9.87 9.58
N PHE A 395 -22.08 -9.16 8.51
CA PHE A 395 -21.19 -9.11 7.35
C PHE A 395 -19.86 -8.42 7.65
N PRO A 396 -19.81 -7.24 8.28
CA PRO A 396 -18.49 -6.65 8.59
C PRO A 396 -17.68 -7.49 9.56
N PHE A 397 -18.33 -8.19 10.49
CA PHE A 397 -17.60 -9.11 11.36
C PHE A 397 -16.98 -10.25 10.56
N LEU A 398 -17.72 -10.77 9.58
CA LEU A 398 -17.15 -11.76 8.67
C LEU A 398 -15.96 -11.16 7.91
N PHE A 399 -16.11 -9.93 7.43
CA PHE A 399 -15.14 -9.26 6.56
C PHE A 399 -14.18 -8.37 7.34
N VAL A 400 -13.99 -8.64 8.64
CA VAL A 400 -13.23 -7.74 9.51
C VAL A 400 -11.73 -7.88 9.31
N GLY A 401 -11.30 -8.82 8.48
CA GLY A 401 -9.90 -8.99 8.19
C GLY A 401 -9.39 -8.19 7.02
N LEU A 402 -10.23 -7.33 6.43
CA LEU A 402 -9.85 -6.54 5.28
C LEU A 402 -9.00 -5.35 5.70
N PRO A 403 -8.28 -4.73 4.78
CA PRO A 403 -7.55 -3.50 5.10
C PRO A 403 -8.48 -2.43 5.64
N SER A 404 -7.99 -1.71 6.66
CA SER A 404 -8.78 -0.67 7.33
C SER A 404 -9.30 0.37 6.35
N GLY A 405 -8.54 0.66 5.29
CA GLY A 405 -8.98 1.64 4.31
C GLY A 405 -10.30 1.29 3.67
N LEU A 406 -10.50 0.01 3.33
CA LEU A 406 -11.78 -0.41 2.76
C LEU A 406 -12.93 -0.15 3.72
N PHE A 407 -12.70 -0.37 5.02
CA PHE A 407 -13.72 -0.02 6.00
C PHE A 407 -13.88 1.50 6.11
N LEU A 408 -12.85 2.27 5.77
CA LEU A 408 -13.04 3.72 5.74
C LEU A 408 -13.91 4.12 4.56
N TYR A 409 -13.68 3.53 3.40
CA TYR A 409 -14.56 3.72 2.26
C TYR A 409 -15.99 3.37 2.61
N TYR A 410 -16.19 2.16 3.15
CA TYR A 410 -17.52 1.69 3.51
C TYR A 410 -18.18 2.65 4.51
N ALA A 411 -17.48 2.98 5.58
CA ALA A 411 -18.07 3.77 6.65
C ALA A 411 -18.39 5.19 6.18
N THR A 412 -17.48 5.82 5.43
CA THR A 412 -17.78 7.12 4.85
C THR A 412 -19.01 7.04 3.98
N ASN A 413 -19.09 6.01 3.12
CA ASN A 413 -20.27 5.80 2.29
C ASN A 413 -21.54 5.67 3.13
N THR A 414 -21.44 5.05 4.31
CA THR A 414 -22.61 4.85 5.15
C THR A 414 -23.03 6.16 5.84
N LEU A 415 -22.07 6.97 6.25
CA LEU A 415 -22.40 8.29 6.78
C LEU A 415 -23.10 9.13 5.72
N ILE A 416 -22.58 9.12 4.49
CA ILE A 416 -23.24 9.78 3.37
C ILE A 416 -24.67 9.28 3.25
N GLN A 417 -24.83 7.94 3.18
CA GLN A 417 -26.15 7.33 3.04
C GLN A 417 -27.10 7.82 4.12
N LEU A 418 -26.66 7.84 5.38
CA LEU A 418 -27.51 8.34 6.46
C LEU A 418 -27.91 9.79 6.20
N ALA A 419 -26.92 10.66 6.02
CA ALA A 419 -27.22 12.06 5.73
C ALA A 419 -28.03 12.20 4.45
N VAL A 420 -27.73 11.39 3.43
CA VAL A 420 -28.50 11.42 2.20
C VAL A 420 -29.92 10.96 2.45
N THR A 421 -30.09 9.82 3.11
CA THR A 421 -31.43 9.33 3.43
C THR A 421 -32.18 10.31 4.32
N TYR A 422 -31.48 11.03 5.19
CA TYR A 422 -32.12 11.96 6.09
C TYR A 422 -32.62 13.18 5.32
N TYR A 423 -33.86 13.10 4.82
CA TYR A 423 -34.54 14.23 4.21
C TYR A 423 -36.03 14.21 4.60
N THR A 424 -36.28 13.96 5.88
CA THR A 424 -37.63 13.75 6.41
C THR A 424 -38.63 14.74 5.84
N TYR A 425 -39.66 14.22 5.16
CA TYR A 425 -40.71 15.08 4.62
C TYR A 425 -42.04 14.35 4.47
#